data_2EK8
#
_entry.id   2EK8
#
_cell.length_a   93.624
_cell.length_b   68.618
_cell.length_c   76.841
_cell.angle_alpha   90.00
_cell.angle_beta   90.00
_cell.angle_gamma   90.00
#
_symmetry.space_group_name_H-M   'P 21 21 2'
#
loop_
_entity.id
_entity.type
_entity.pdbx_description
1 polymer Aminopeptidase
2 non-polymer 'ZINC ION'
3 non-polymer 'ISOPROPYL ALCOHOL'
4 water water
#
_entity_poly.entity_id   1
_entity_poly.type   'polypeptide(L)'
_entity_poly.pdbx_seq_one_letter_code
;APAHADHQITKRTDAENMYNTIQFLSQAPRVAGSPEELKAVRYIEQQFKSYGYHVEVQPFQFEGYTAPSEVTLKIGTEKK
EGEAFTYSPNSDVTAELVYVGLGTTADVAGKDLNGKIALIQRGNISFADKVRNAAKQGAKAVIIYNNTDGKLNGTLGGSD
ASFVAAVGITKQEGDALAANLRAGEKITATVKVAGAEVKTLTSHNVIATKKPDANKKNTNDIIIIGSHHDSVEKAPGAND
DASGVAVTLELARVMSKLKTDTELRFITFGAEENGLIGSKKYAASLSEDEIKRTIGMFQLDMVGSKDAGDLIMYTIDGKK
NRVTDLGAAASSRLSGVLPYGQEGRSDHESFHALGIPAALFIHAPVEPWYHTPNDTLDKISKEKLDNVADIVGSAVYQAA
RPGELVIEPIDYPRRNVELQN
;
_entity_poly.pdbx_strand_id   A
#
# COMPACT_ATOMS: atom_id res chain seq x y z
N ALA A 5 -28.45 5.97 -16.07
CA ALA A 5 -27.56 4.77 -16.01
C ALA A 5 -27.03 4.52 -14.59
N ASP A 6 -26.71 5.59 -13.86
CA ASP A 6 -26.19 5.44 -12.51
C ASP A 6 -27.14 4.64 -11.62
N HIS A 7 -28.45 4.80 -11.84
CA HIS A 7 -29.44 4.10 -11.03
C HIS A 7 -29.27 2.59 -11.04
N GLN A 8 -28.75 2.04 -12.13
CA GLN A 8 -28.54 0.59 -12.22
C GLN A 8 -27.54 0.17 -11.13
N ILE A 9 -26.64 1.08 -10.78
CA ILE A 9 -25.63 0.83 -9.76
C ILE A 9 -26.15 1.22 -8.38
N THR A 10 -26.52 2.49 -8.23
CA THR A 10 -26.98 3.02 -6.95
C THR A 10 -28.17 2.32 -6.31
N LYS A 11 -29.01 1.67 -7.11
CA LYS A 11 -30.16 0.99 -6.52
C LYS A 11 -29.79 -0.42 -6.07
N ARG A 12 -28.57 -0.86 -6.40
CA ARG A 12 -28.11 -2.20 -6.04
C ARG A 12 -26.96 -2.30 -5.03
N THR A 13 -26.28 -1.19 -4.74
CA THR A 13 -25.17 -1.22 -3.80
C THR A 13 -25.63 -1.51 -2.37
N ASP A 14 -25.38 -2.74 -1.92
CA ASP A 14 -25.81 -3.18 -0.60
C ASP A 14 -24.75 -2.92 0.48
N ALA A 15 -25.00 -1.91 1.31
CA ALA A 15 -24.07 -1.54 2.38
C ALA A 15 -23.95 -2.62 3.45
N GLU A 16 -25.01 -3.39 3.64
CA GLU A 16 -24.99 -4.46 4.64
C GLU A 16 -24.03 -5.56 4.18
N ASN A 17 -24.07 -5.87 2.88
CA ASN A 17 -23.18 -6.88 2.32
C ASN A 17 -21.73 -6.47 2.58
N MET A 18 -21.41 -5.22 2.27
CA MET A 18 -20.04 -4.73 2.47
C MET A 18 -19.64 -4.74 3.94
N TYR A 19 -20.56 -4.34 4.81
CA TYR A 19 -20.27 -4.35 6.24
C TYR A 19 -19.94 -5.77 6.67
N ASN A 20 -20.74 -6.72 6.22
CA ASN A 20 -20.52 -8.13 6.59
C ASN A 20 -19.17 -8.65 6.10
N THR A 21 -18.76 -8.23 4.91
CA THR A 21 -17.47 -8.65 4.39
C THR A 21 -16.38 -8.16 5.35
N ILE A 22 -16.46 -6.89 5.74
CA ILE A 22 -15.47 -6.33 6.64
C ILE A 22 -15.49 -7.03 8.00
N GLN A 23 -16.69 -7.36 8.47
CA GLN A 23 -16.83 -8.04 9.75
C GLN A 23 -16.10 -9.38 9.72
N PHE A 24 -16.28 -10.13 8.65
CA PHE A 24 -15.62 -11.42 8.55
C PHE A 24 -14.11 -11.30 8.47
N LEU A 25 -13.62 -10.47 7.55
CA LEU A 25 -12.18 -10.30 7.35
C LEU A 25 -11.39 -9.68 8.49
N SER A 26 -12.01 -8.78 9.25
CA SER A 26 -11.31 -8.10 10.32
C SER A 26 -11.37 -8.72 11.71
N GLN A 27 -11.59 -10.03 11.78
CA GLN A 27 -11.62 -10.71 13.08
C GLN A 27 -10.20 -10.82 13.60
N ALA A 28 -9.23 -10.69 12.70
CA ALA A 28 -7.82 -10.77 13.06
C ALA A 28 -6.99 -10.16 11.95
N PRO A 29 -5.76 -9.72 12.26
CA PRO A 29 -4.90 -9.13 11.23
C PRO A 29 -4.65 -10.16 10.12
N ARG A 30 -4.42 -9.67 8.91
CA ARG A 30 -4.16 -10.55 7.77
C ARG A 30 -2.77 -10.26 7.20
N VAL A 31 -1.74 -10.66 7.93
CA VAL A 31 -0.37 -10.44 7.49
C VAL A 31 -0.10 -11.25 6.23
N ALA A 32 0.50 -10.62 5.23
CA ALA A 32 0.80 -11.29 3.98
C ALA A 32 1.55 -12.60 4.17
N GLY A 33 1.11 -13.63 3.47
CA GLY A 33 1.76 -14.93 3.55
C GLY A 33 1.42 -15.75 4.78
N SER A 34 0.52 -15.24 5.61
CA SER A 34 0.13 -15.92 6.84
C SER A 34 -1.15 -16.73 6.66
N PRO A 35 -1.46 -17.60 7.63
CA PRO A 35 -2.67 -18.41 7.56
C PRO A 35 -3.92 -17.54 7.47
N GLU A 36 -3.87 -16.35 8.07
CA GLU A 36 -5.03 -15.45 8.03
C GLU A 36 -5.23 -14.85 6.64
N GLU A 37 -4.15 -14.53 5.94
CA GLU A 37 -4.33 -13.98 4.60
C GLU A 37 -4.85 -15.11 3.71
N LEU A 38 -4.40 -16.34 3.95
CA LEU A 38 -4.88 -17.48 3.16
C LEU A 38 -6.38 -17.66 3.38
N LYS A 39 -6.81 -17.46 4.62
CA LYS A 39 -8.23 -17.57 4.94
C LYS A 39 -9.01 -16.51 4.17
N ALA A 40 -8.46 -15.30 4.08
CA ALA A 40 -9.12 -14.21 3.36
C ALA A 40 -9.20 -14.55 1.88
N VAL A 41 -8.13 -15.11 1.34
CA VAL A 41 -8.10 -15.50 -0.07
C VAL A 41 -9.23 -16.48 -0.34
N ARG A 42 -9.37 -17.49 0.52
CA ARG A 42 -10.42 -18.49 0.34
C ARG A 42 -11.80 -17.86 0.40
N TYR A 43 -12.00 -16.96 1.36
CA TYR A 43 -13.29 -16.30 1.54
C TYR A 43 -13.64 -15.45 0.32
N ILE A 44 -12.69 -14.63 -0.11
CA ILE A 44 -12.91 -13.76 -1.26
C ILE A 44 -13.20 -14.59 -2.50
N GLU A 45 -12.44 -15.66 -2.69
CA GLU A 45 -12.66 -16.55 -3.82
C GLU A 45 -14.10 -17.05 -3.81
N GLN A 46 -14.55 -17.54 -2.65
CA GLN A 46 -15.90 -18.06 -2.53
C GLN A 46 -16.99 -17.03 -2.79
N GLN A 47 -16.78 -15.79 -2.35
CA GLN A 47 -17.80 -14.76 -2.57
C GLN A 47 -17.92 -14.45 -4.08
N PHE A 48 -16.79 -14.37 -4.78
CA PHE A 48 -16.81 -14.09 -6.21
C PHE A 48 -17.57 -15.21 -6.92
N LYS A 49 -17.30 -16.44 -6.51
CA LYS A 49 -17.96 -17.61 -7.10
C LYS A 49 -19.47 -17.53 -6.85
N SER A 50 -19.86 -17.12 -5.65
CA SER A 50 -21.27 -17.02 -5.30
C SER A 50 -22.01 -16.05 -6.20
N TYR A 51 -21.29 -15.09 -6.78
CA TYR A 51 -21.90 -14.11 -7.68
C TYR A 51 -21.91 -14.64 -9.11
N GLY A 52 -21.36 -15.84 -9.30
CA GLY A 52 -21.33 -16.44 -10.62
C GLY A 52 -20.05 -16.28 -11.40
N TYR A 53 -19.02 -15.72 -10.76
CA TYR A 53 -17.74 -15.51 -11.41
C TYR A 53 -16.84 -16.72 -11.45
N HIS A 54 -16.04 -16.81 -12.51
CA HIS A 54 -15.06 -17.87 -12.61
C HIS A 54 -13.89 -17.17 -11.91
N VAL A 55 -13.23 -17.86 -10.99
CA VAL A 55 -12.16 -17.23 -10.25
C VAL A 55 -10.79 -17.90 -10.43
N GLU A 56 -9.75 -17.07 -10.43
CA GLU A 56 -8.38 -17.56 -10.56
C GLU A 56 -7.60 -17.04 -9.36
N VAL A 57 -6.71 -17.87 -8.84
CA VAL A 57 -5.89 -17.47 -7.70
C VAL A 57 -4.44 -17.54 -8.12
N GLN A 58 -3.77 -16.38 -8.18
CA GLN A 58 -2.37 -16.34 -8.59
C GLN A 58 -1.44 -16.35 -7.40
N PRO A 59 -0.61 -17.40 -7.28
CA PRO A 59 0.32 -17.48 -6.15
C PRO A 59 1.63 -16.79 -6.49
N PHE A 60 2.38 -16.40 -5.47
CA PHE A 60 3.68 -15.77 -5.69
C PHE A 60 4.46 -15.82 -4.39
N GLN A 61 5.78 -15.91 -4.50
CA GLN A 61 6.62 -15.96 -3.32
C GLN A 61 7.27 -14.62 -3.07
N PHE A 62 7.66 -14.39 -1.82
CA PHE A 62 8.32 -13.15 -1.44
C PHE A 62 9.03 -13.39 -0.11
N GLU A 63 10.05 -12.59 0.17
CA GLU A 63 10.80 -12.73 1.41
C GLU A 63 10.09 -12.02 2.54
N GLY A 64 9.67 -12.78 3.55
CA GLY A 64 9.00 -12.20 4.69
C GLY A 64 10.01 -11.81 5.74
N TYR A 65 9.60 -11.01 6.72
CA TYR A 65 10.51 -10.59 7.77
C TYR A 65 9.90 -10.69 9.15
N THR A 66 10.60 -11.38 10.05
CA THR A 66 10.15 -11.54 11.43
C THR A 66 10.97 -10.56 12.27
N ALA A 67 10.29 -9.56 12.82
CA ALA A 67 10.94 -8.55 13.65
C ALA A 67 11.88 -9.17 14.69
N PRO A 68 13.01 -8.49 14.97
CA PRO A 68 13.98 -8.98 15.95
C PRO A 68 13.40 -8.99 17.37
N SER A 69 13.82 -9.97 18.17
CA SER A 69 13.34 -10.09 19.53
C SER A 69 14.09 -9.18 20.48
N GLU A 70 15.35 -8.87 20.14
CA GLU A 70 16.18 -8.00 20.97
C GLU A 70 16.74 -6.83 20.17
N VAL A 71 16.38 -5.61 20.58
CA VAL A 71 16.84 -4.39 19.93
C VAL A 71 17.50 -3.52 21.00
N THR A 72 18.79 -3.75 21.24
CA THR A 72 19.52 -2.97 22.24
C THR A 72 20.45 -1.94 21.63
N LEU A 73 20.16 -0.66 21.89
CA LEU A 73 20.96 0.45 21.39
C LEU A 73 21.48 1.26 22.57
N LYS A 74 22.80 1.41 22.64
CA LYS A 74 23.41 2.18 23.73
C LYS A 74 24.49 3.15 23.26
N ILE A 75 24.49 4.33 23.86
CA ILE A 75 25.48 5.36 23.54
C ILE A 75 26.51 5.40 24.66
N GLY A 76 27.59 4.64 24.48
CA GLY A 76 28.62 4.61 25.50
C GLY A 76 28.20 3.75 26.68
N THR A 77 27.24 4.24 27.45
CA THR A 77 26.75 3.51 28.62
C THR A 77 25.24 3.64 28.75
N GLU A 78 24.70 4.80 28.39
CA GLU A 78 23.26 5.03 28.49
C GLU A 78 22.51 4.23 27.43
N LYS A 79 21.39 3.65 27.83
CA LYS A 79 20.57 2.85 26.91
C LYS A 79 19.57 3.76 26.22
N LYS A 80 19.53 3.69 24.89
CA LYS A 80 18.62 4.51 24.10
C LYS A 80 17.47 3.71 23.51
N GLU A 81 16.43 4.43 23.08
CA GLU A 81 15.25 3.80 22.49
C GLU A 81 15.38 3.79 20.96
N GLY A 82 15.39 2.60 20.37
CA GLY A 82 15.52 2.49 18.94
C GLY A 82 14.79 1.29 18.37
N GLU A 83 14.34 1.41 17.12
CA GLU A 83 13.62 0.33 16.46
C GLU A 83 14.28 -0.08 15.15
N ALA A 84 14.60 -1.37 15.03
CA ALA A 84 15.24 -1.90 13.84
C ALA A 84 14.32 -1.83 12.63
N PHE A 85 14.87 -1.39 11.50
CA PHE A 85 14.10 -1.30 10.27
C PHE A 85 13.80 -2.72 9.80
N THR A 86 12.68 -2.90 9.11
CA THR A 86 12.32 -4.22 8.60
C THR A 86 13.38 -4.67 7.60
N TYR A 87 13.74 -5.95 7.69
CA TYR A 87 14.76 -6.56 6.84
C TYR A 87 16.16 -6.23 7.32
N SER A 88 16.24 -5.72 8.54
CA SER A 88 17.52 -5.38 9.14
C SER A 88 18.22 -6.65 9.62
N PRO A 89 19.51 -6.80 9.28
CA PRO A 89 20.27 -7.98 9.71
C PRO A 89 20.49 -7.96 11.22
N ASN A 90 21.07 -9.03 11.75
CA ASN A 90 21.37 -9.13 13.17
C ASN A 90 22.76 -8.56 13.38
N SER A 91 23.07 -8.15 14.62
CA SER A 91 24.39 -7.60 14.91
C SER A 91 24.70 -7.57 16.40
N ASP A 92 25.99 -7.58 16.71
CA ASP A 92 26.49 -7.54 18.08
C ASP A 92 27.80 -6.75 18.01
N VAL A 93 27.70 -5.49 17.63
CA VAL A 93 28.87 -4.64 17.49
C VAL A 93 28.88 -3.44 18.43
N THR A 94 30.07 -3.10 18.90
CA THR A 94 30.29 -1.97 19.78
C THR A 94 31.53 -1.27 19.24
N ALA A 95 31.36 -0.07 18.70
CA ALA A 95 32.47 0.67 18.13
C ALA A 95 32.19 2.16 18.11
N GLU A 96 33.14 2.93 17.61
CA GLU A 96 32.99 4.38 17.52
C GLU A 96 31.85 4.77 16.58
N LEU A 97 31.12 5.80 16.99
CA LEU A 97 30.01 6.31 16.21
C LEU A 97 30.50 7.45 15.31
N VAL A 98 30.19 7.38 14.02
CA VAL A 98 30.61 8.42 13.09
C VAL A 98 29.44 9.03 12.33
N TYR A 99 29.35 10.36 12.38
CA TYR A 99 28.29 11.09 11.70
C TYR A 99 28.60 11.25 10.22
N VAL A 100 27.70 10.75 9.37
CA VAL A 100 27.90 10.84 7.92
C VAL A 100 26.75 11.55 7.21
N GLY A 101 26.19 12.57 7.86
CA GLY A 101 25.10 13.32 7.27
C GLY A 101 23.93 12.49 6.79
N LEU A 102 23.56 12.67 5.52
CA LEU A 102 22.44 11.95 4.92
C LEU A 102 22.84 10.55 4.46
N GLY A 103 24.13 10.27 4.45
CA GLY A 103 24.62 8.97 4.04
C GLY A 103 24.67 8.73 2.54
N THR A 104 24.95 9.78 1.77
CA THR A 104 25.04 9.65 0.32
C THR A 104 26.34 8.94 -0.02
N THR A 105 26.52 8.63 -1.30
CA THR A 105 27.72 7.95 -1.75
C THR A 105 28.97 8.81 -1.51
N ALA A 106 28.76 10.12 -1.39
CA ALA A 106 29.87 11.04 -1.17
C ALA A 106 30.08 11.31 0.31
N ASP A 107 28.98 11.41 1.07
CA ASP A 107 29.05 11.67 2.50
C ASP A 107 29.85 10.59 3.23
N VAL A 108 29.62 9.34 2.86
CA VAL A 108 30.31 8.22 3.49
C VAL A 108 31.67 7.92 2.84
N ALA A 109 31.87 8.46 1.64
CA ALA A 109 33.12 8.25 0.92
C ALA A 109 34.33 8.80 1.66
N GLY A 110 34.37 10.12 1.84
CA GLY A 110 35.49 10.75 2.51
C GLY A 110 35.49 10.61 4.03
N LYS A 111 35.07 9.45 4.53
CA LYS A 111 35.03 9.22 5.97
C LYS A 111 35.35 7.77 6.32
N ASP A 112 36.25 7.59 7.28
CA ASP A 112 36.66 6.26 7.72
C ASP A 112 35.56 5.62 8.56
N LEU A 113 34.92 4.58 8.02
CA LEU A 113 33.84 3.90 8.71
C LEU A 113 34.09 2.42 8.92
N ASN A 114 35.24 1.93 8.47
CA ASN A 114 35.55 0.52 8.61
C ASN A 114 35.45 0.02 10.05
N GLY A 115 34.53 -0.90 10.29
CA GLY A 115 34.35 -1.45 11.63
C GLY A 115 33.63 -0.52 12.59
N LYS A 116 33.16 0.62 12.09
CA LYS A 116 32.48 1.58 12.94
C LYS A 116 30.97 1.61 12.71
N ILE A 117 30.27 2.37 13.54
CA ILE A 117 28.82 2.51 13.44
C ILE A 117 28.53 3.87 12.85
N ALA A 118 27.69 3.92 11.82
CA ALA A 118 27.36 5.17 11.16
C ALA A 118 26.10 5.81 11.73
N LEU A 119 26.16 7.12 11.94
CA LEU A 119 25.02 7.89 12.43
C LEU A 119 24.53 8.64 11.20
N ILE A 120 23.32 8.32 10.75
CA ILE A 120 22.77 8.96 9.56
C ILE A 120 21.44 9.66 9.83
N GLN A 121 21.22 10.77 9.12
CA GLN A 121 20.00 11.54 9.25
C GLN A 121 19.01 11.21 8.15
N ARG A 122 17.73 11.13 8.51
CA ARG A 122 16.68 10.84 7.55
C ARG A 122 16.56 12.05 6.63
N GLY A 123 16.45 11.81 5.31
CA GLY A 123 16.36 12.92 4.39
C GLY A 123 15.50 12.67 3.16
N ASN A 124 16.16 12.43 2.03
CA ASN A 124 15.46 12.17 0.78
C ASN A 124 15.64 10.74 0.31
N ILE A 125 16.90 10.31 0.20
CA ILE A 125 17.20 8.95 -0.24
C ILE A 125 16.57 7.91 0.69
N SER A 126 16.34 6.73 0.15
CA SER A 126 15.72 5.65 0.92
C SER A 126 16.60 5.15 2.06
N PHE A 127 15.96 4.61 3.09
CA PHE A 127 16.67 4.07 4.24
C PHE A 127 17.59 2.95 3.76
N ALA A 128 17.20 2.32 2.66
CA ALA A 128 17.96 1.22 2.08
C ALA A 128 19.30 1.69 1.50
N ASP A 129 19.27 2.81 0.79
CA ASP A 129 20.49 3.36 0.20
C ASP A 129 21.49 3.77 1.27
N LYS A 130 20.99 4.40 2.33
CA LYS A 130 21.84 4.84 3.43
C LYS A 130 22.58 3.67 4.08
N VAL A 131 21.84 2.63 4.43
CA VAL A 131 22.44 1.46 5.06
C VAL A 131 23.43 0.82 4.08
N ARG A 132 23.01 0.68 2.83
CA ARG A 132 23.83 0.10 1.80
C ARG A 132 25.11 0.90 1.57
N ASN A 133 24.98 2.22 1.42
CA ASN A 133 26.14 3.08 1.20
C ASN A 133 27.12 3.03 2.35
N ALA A 134 26.60 3.03 3.58
CA ALA A 134 27.45 2.99 4.76
C ALA A 134 28.14 1.63 4.88
N ALA A 135 27.39 0.57 4.60
CA ALA A 135 27.92 -0.79 4.68
C ALA A 135 29.05 -1.00 3.66
N LYS A 136 28.98 -0.27 2.55
CA LYS A 136 29.99 -0.38 1.51
C LYS A 136 31.33 0.15 1.99
N GLN A 137 31.29 1.05 2.96
CA GLN A 137 32.52 1.65 3.50
C GLN A 137 33.06 0.91 4.71
N GLY A 138 32.43 -0.22 5.05
CA GLY A 138 32.90 -1.00 6.19
C GLY A 138 32.06 -0.89 7.45
N ALA A 139 31.10 0.02 7.46
CA ALA A 139 30.23 0.21 8.63
C ALA A 139 29.68 -1.14 9.09
N LYS A 140 29.74 -1.38 10.40
CA LYS A 140 29.25 -2.62 10.99
C LYS A 140 27.78 -2.51 11.37
N ALA A 141 27.29 -1.29 11.52
CA ALA A 141 25.90 -1.05 11.88
C ALA A 141 25.53 0.37 11.53
N VAL A 142 24.23 0.65 11.44
CA VAL A 142 23.77 1.98 11.10
C VAL A 142 22.65 2.46 12.03
N ILE A 143 22.76 3.71 12.46
CA ILE A 143 21.78 4.34 13.32
C ILE A 143 21.21 5.52 12.55
N ILE A 144 19.91 5.48 12.27
CA ILE A 144 19.25 6.55 11.54
C ILE A 144 18.33 7.32 12.49
N TYR A 145 18.42 8.65 12.47
CA TYR A 145 17.54 9.44 13.33
C TYR A 145 16.48 10.19 12.52
N ASN A 146 15.28 10.22 13.08
CA ASN A 146 14.11 10.85 12.45
C ASN A 146 14.19 12.35 12.22
N ASN A 147 13.27 12.85 11.39
CA ASN A 147 13.17 14.27 11.07
C ASN A 147 12.07 14.93 11.89
N THR A 148 11.26 14.12 12.55
CA THR A 148 10.18 14.64 13.39
C THR A 148 10.11 13.87 14.70
N ASP A 149 9.09 14.16 15.49
CA ASP A 149 8.91 13.50 16.78
C ASP A 149 8.41 12.08 16.59
N GLY A 150 8.32 11.33 17.68
CA GLY A 150 7.86 9.95 17.60
C GLY A 150 8.93 9.02 17.08
N LYS A 151 8.82 7.74 17.43
CA LYS A 151 9.79 6.74 17.00
C LYS A 151 9.93 6.74 15.47
N LEU A 152 11.07 6.25 15.00
CA LEU A 152 11.33 6.19 13.57
C LEU A 152 11.11 4.76 13.09
N ASN A 153 9.99 4.52 12.42
CA ASN A 153 9.66 3.21 11.91
C ASN A 153 9.75 3.19 10.39
N GLY A 154 10.71 2.44 9.87
CA GLY A 154 10.88 2.36 8.44
C GLY A 154 11.17 0.95 7.96
N THR A 155 11.38 0.82 6.65
CA THR A 155 11.67 -0.46 6.05
C THR A 155 12.80 -0.33 5.04
N LEU A 156 13.66 -1.34 4.97
CA LEU A 156 14.76 -1.31 4.04
C LEU A 156 14.27 -1.82 2.67
N GLY A 157 12.95 -1.88 2.54
CA GLY A 157 12.35 -2.34 1.30
C GLY A 157 12.19 -3.85 1.24
N GLY A 158 13.33 -4.53 1.17
CA GLY A 158 13.31 -5.98 1.11
C GLY A 158 14.63 -6.55 1.58
N SER A 159 14.71 -7.87 1.69
CA SER A 159 15.94 -8.51 2.13
C SER A 159 17.10 -8.16 1.23
N ASP A 160 18.31 -8.17 1.80
CA ASP A 160 19.51 -7.85 1.05
C ASP A 160 20.72 -8.07 1.96
N ALA A 161 21.53 -9.07 1.62
CA ALA A 161 22.72 -9.41 2.41
C ALA A 161 23.76 -8.29 2.46
N SER A 162 23.64 -7.32 1.56
CA SER A 162 24.60 -6.22 1.52
C SER A 162 24.35 -5.25 2.68
N PHE A 163 23.23 -5.44 3.36
CA PHE A 163 22.88 -4.58 4.49
C PHE A 163 23.61 -4.99 5.77
N VAL A 164 23.53 -4.11 6.76
CA VAL A 164 24.12 -4.35 8.07
C VAL A 164 22.99 -3.90 9.00
N ALA A 165 23.04 -4.32 10.26
CA ALA A 165 22.00 -3.93 11.20
C ALA A 165 21.71 -2.44 11.12
N ALA A 166 20.43 -2.08 11.11
CA ALA A 166 20.03 -0.69 11.04
C ALA A 166 18.90 -0.42 12.03
N VAL A 167 19.06 0.61 12.84
CA VAL A 167 18.05 0.98 13.84
C VAL A 167 17.73 2.47 13.73
N GLY A 168 16.46 2.80 13.99
CA GLY A 168 16.06 4.20 13.91
C GLY A 168 15.82 4.83 15.27
N ILE A 169 15.99 6.15 15.34
CA ILE A 169 15.79 6.89 16.59
C ILE A 169 15.14 8.23 16.28
N THR A 170 14.45 8.78 17.27
CA THR A 170 13.77 10.07 17.12
C THR A 170 14.71 11.22 16.77
N LYS A 171 14.14 12.28 16.23
CA LYS A 171 14.89 13.46 15.82
C LYS A 171 15.68 14.08 16.98
N GLN A 172 15.01 14.33 18.09
CA GLN A 172 15.64 14.93 19.25
C GLN A 172 16.92 14.21 19.68
N GLU A 173 16.82 12.91 19.90
CA GLU A 173 17.97 12.11 20.32
C GLU A 173 19.02 11.99 19.22
N GLY A 174 18.63 12.33 18.00
CA GLY A 174 19.56 12.25 16.88
C GLY A 174 20.34 13.53 16.65
N ASP A 175 19.66 14.67 16.72
CA ASP A 175 20.32 15.96 16.53
C ASP A 175 21.35 16.17 17.61
N ALA A 176 21.07 15.64 18.80
CA ALA A 176 21.97 15.77 19.95
C ALA A 176 23.31 15.08 19.68
N LEU A 177 23.24 13.83 19.23
CA LEU A 177 24.45 13.06 18.93
C LEU A 177 25.22 13.72 17.79
N ALA A 178 24.51 14.11 16.74
CA ALA A 178 25.13 14.76 15.59
C ALA A 178 25.85 16.03 16.01
N ALA A 179 25.24 16.78 16.93
CA ALA A 179 25.82 18.02 17.41
C ALA A 179 27.13 17.77 18.15
N ASN A 180 27.11 16.82 19.09
CA ASN A 180 28.31 16.50 19.85
C ASN A 180 29.44 15.99 18.95
N LEU A 181 29.08 15.19 17.95
CA LEU A 181 30.08 14.67 17.03
C LEU A 181 30.68 15.82 16.23
N ARG A 182 29.85 16.75 15.78
CA ARG A 182 30.35 17.90 15.01
C ARG A 182 31.22 18.74 15.93
N ALA A 183 30.89 18.74 17.22
CA ALA A 183 31.62 19.51 18.21
C ALA A 183 33.01 18.92 18.49
N GLY A 184 33.26 17.73 17.93
CA GLY A 184 34.55 17.09 18.12
C GLY A 184 34.61 16.02 19.17
N GLU A 185 33.45 15.59 19.69
CA GLU A 185 33.43 14.56 20.71
C GLU A 185 33.61 13.18 20.06
N LYS A 186 34.34 12.31 20.75
CA LYS A 186 34.58 10.96 20.26
C LYS A 186 33.59 10.08 21.02
N ILE A 187 32.59 9.56 20.30
CA ILE A 187 31.56 8.74 20.91
C ILE A 187 31.56 7.28 20.48
N THR A 188 31.28 6.40 21.43
CA THR A 188 31.23 4.97 21.16
C THR A 188 29.79 4.52 21.36
N ALA A 189 29.32 3.61 20.52
CA ALA A 189 27.94 3.13 20.62
C ALA A 189 27.86 1.63 20.51
N THR A 190 26.69 1.09 20.86
CA THR A 190 26.46 -0.35 20.79
C THR A 190 25.18 -0.62 20.02
N VAL A 191 25.28 -1.52 19.06
CA VAL A 191 24.13 -1.89 18.24
C VAL A 191 24.01 -3.41 18.21
N LYS A 192 23.02 -3.94 18.93
CA LYS A 192 22.80 -5.37 18.97
C LYS A 192 21.38 -5.71 18.52
N VAL A 193 21.30 -6.47 17.43
CA VAL A 193 20.03 -6.89 16.87
C VAL A 193 19.96 -8.41 16.88
N ALA A 194 19.00 -8.95 17.62
CA ALA A 194 18.84 -10.39 17.71
C ALA A 194 17.39 -10.78 17.52
N GLY A 195 17.15 -11.92 16.86
CA GLY A 195 15.80 -12.38 16.63
C GLY A 195 15.36 -12.20 15.19
N ALA A 196 15.82 -11.13 14.55
CA ALA A 196 15.47 -10.86 13.16
C ALA A 196 15.70 -12.09 12.30
N GLU A 197 14.81 -12.31 11.34
CA GLU A 197 14.92 -13.46 10.44
C GLU A 197 14.11 -13.24 9.18
N VAL A 198 14.60 -13.80 8.07
CA VAL A 198 13.93 -13.69 6.79
C VAL A 198 13.60 -15.08 6.24
N LYS A 199 12.35 -15.28 5.86
CA LYS A 199 11.93 -16.56 5.31
C LYS A 199 11.04 -16.36 4.10
N THR A 200 11.04 -17.33 3.19
CA THR A 200 10.22 -17.26 1.99
C THR A 200 8.78 -17.59 2.32
N LEU A 201 7.87 -16.73 1.86
CA LEU A 201 6.45 -16.93 2.10
C LEU A 201 5.71 -16.92 0.78
N THR A 202 4.47 -17.40 0.80
CA THR A 202 3.66 -17.43 -0.40
C THR A 202 2.37 -16.64 -0.14
N SER A 203 2.06 -15.72 -1.04
CA SER A 203 0.85 -14.93 -0.93
C SER A 203 0.07 -15.18 -2.23
N HIS A 204 -1.07 -14.54 -2.39
CA HIS A 204 -1.88 -14.76 -3.58
C HIS A 204 -2.70 -13.55 -3.97
N ASN A 205 -3.11 -13.51 -5.24
CA ASN A 205 -3.99 -12.48 -5.77
C ASN A 205 -5.22 -13.26 -6.19
N VAL A 206 -6.41 -12.70 -5.97
CA VAL A 206 -7.65 -13.36 -6.37
C VAL A 206 -8.22 -12.55 -7.53
N ILE A 207 -8.42 -13.21 -8.67
CA ILE A 207 -8.93 -12.52 -9.86
C ILE A 207 -10.26 -13.08 -10.35
N ALA A 208 -11.26 -12.22 -10.42
CA ALA A 208 -12.60 -12.61 -10.88
C ALA A 208 -12.91 -11.78 -12.13
N THR A 209 -13.16 -12.45 -13.25
CA THR A 209 -13.39 -11.75 -14.49
C THR A 209 -14.78 -11.94 -15.10
N LYS A 210 -15.36 -10.82 -15.54
CA LYS A 210 -16.65 -10.83 -16.20
C LYS A 210 -16.39 -10.48 -17.66
N LYS A 211 -16.56 -11.45 -18.54
CA LYS A 211 -16.34 -11.21 -19.96
C LYS A 211 -17.52 -10.39 -20.48
N PRO A 212 -17.28 -9.54 -21.49
CA PRO A 212 -18.39 -8.74 -22.04
C PRO A 212 -19.45 -9.68 -22.59
N ASP A 213 -20.72 -9.32 -22.38
CA ASP A 213 -21.81 -10.16 -22.84
C ASP A 213 -22.89 -9.42 -23.60
N ALA A 214 -22.56 -8.22 -24.07
CA ALA A 214 -23.52 -7.44 -24.84
C ALA A 214 -23.80 -8.24 -26.10
N ASN A 215 -22.92 -8.09 -27.10
CA ASN A 215 -23.02 -8.79 -28.37
C ASN A 215 -22.25 -8.00 -29.43
N LYS A 216 -22.98 -7.42 -30.37
CA LYS A 216 -22.35 -6.63 -31.43
C LYS A 216 -21.78 -5.35 -30.84
N LYS A 217 -22.24 -4.99 -29.64
CA LYS A 217 -21.77 -3.79 -28.98
C LYS A 217 -20.51 -4.04 -28.16
N ASN A 218 -20.09 -5.29 -28.03
CA ASN A 218 -18.89 -5.60 -27.25
C ASN A 218 -17.63 -4.92 -27.75
N THR A 219 -16.87 -4.36 -26.82
CA THR A 219 -15.61 -3.70 -27.14
C THR A 219 -14.52 -4.65 -26.68
N ASN A 220 -13.27 -4.29 -26.93
CA ASN A 220 -12.17 -5.12 -26.49
C ASN A 220 -11.50 -4.43 -25.31
N ASP A 221 -12.20 -3.46 -24.71
CA ASP A 221 -11.67 -2.71 -23.56
C ASP A 221 -11.66 -3.55 -22.28
N ILE A 222 -10.73 -3.21 -21.39
CA ILE A 222 -10.62 -3.88 -20.11
C ILE A 222 -10.56 -2.84 -18.98
N ILE A 223 -11.27 -3.11 -17.89
CA ILE A 223 -11.22 -2.23 -16.74
C ILE A 223 -10.92 -3.12 -15.54
N ILE A 224 -9.97 -2.69 -14.71
CA ILE A 224 -9.59 -3.44 -13.53
C ILE A 224 -10.04 -2.67 -12.28
N ILE A 225 -10.67 -3.37 -11.35
CA ILE A 225 -11.11 -2.77 -10.10
C ILE A 225 -10.37 -3.56 -9.03
N GLY A 226 -9.52 -2.90 -8.25
CA GLY A 226 -8.77 -3.64 -7.24
C GLY A 226 -8.74 -3.11 -5.83
N SER A 227 -8.18 -3.93 -4.95
CA SER A 227 -8.02 -3.62 -3.53
C SER A 227 -7.00 -4.65 -3.04
N HIS A 228 -6.56 -4.53 -1.79
CA HIS A 228 -5.61 -5.51 -1.27
C HIS A 228 -6.20 -6.16 -0.03
N HIS A 229 -5.99 -7.46 0.10
CA HIS A 229 -6.55 -8.21 1.22
C HIS A 229 -5.69 -8.46 2.45
N ASP A 230 -4.45 -7.96 2.42
CA ASP A 230 -3.56 -8.11 3.57
C ASP A 230 -3.59 -6.84 4.40
N SER A 231 -3.15 -6.94 5.65
CA SER A 231 -3.10 -5.80 6.56
C SER A 231 -1.75 -5.87 7.27
N VAL A 232 -1.39 -4.81 7.99
CA VAL A 232 -0.11 -4.82 8.69
C VAL A 232 -0.24 -5.58 10.01
N GLU A 233 0.91 -5.98 10.54
CA GLU A 233 0.97 -6.73 11.80
C GLU A 233 0.17 -6.00 12.89
N LYS A 234 -0.59 -6.78 13.66
CA LYS A 234 -1.40 -6.26 14.77
C LYS A 234 -2.60 -5.39 14.40
N ALA A 235 -2.79 -5.13 13.11
CA ALA A 235 -3.92 -4.32 12.66
C ALA A 235 -5.01 -5.20 12.07
N PRO A 236 -6.21 -5.19 12.67
CA PRO A 236 -7.31 -6.01 12.14
C PRO A 236 -7.64 -5.60 10.70
N GLY A 237 -7.17 -4.42 10.31
CA GLY A 237 -7.38 -3.93 8.96
C GLY A 237 -8.80 -3.84 8.44
N ALA A 238 -9.71 -3.34 9.27
CA ALA A 238 -11.10 -3.21 8.85
C ALA A 238 -11.19 -2.21 7.70
N ASN A 239 -10.55 -1.05 7.86
CA ASN A 239 -10.59 -0.07 6.79
C ASN A 239 -9.43 -0.23 5.82
N ASP A 240 -8.29 -0.70 6.32
CA ASP A 240 -7.12 -0.89 5.48
C ASP A 240 -6.72 -2.37 5.45
N ASP A 241 -7.21 -3.11 4.46
CA ASP A 241 -8.09 -2.59 3.42
C ASP A 241 -9.29 -3.51 3.19
N ALA A 242 -9.91 -3.98 4.27
CA ALA A 242 -11.09 -4.83 4.14
C ALA A 242 -12.18 -4.01 3.48
N SER A 243 -12.17 -2.70 3.71
CA SER A 243 -13.16 -1.80 3.12
C SER A 243 -13.08 -1.88 1.60
N GLY A 244 -11.88 -1.79 1.07
CA GLY A 244 -11.67 -1.86 -0.37
C GLY A 244 -12.09 -3.21 -0.93
N VAL A 245 -11.77 -4.28 -0.20
CA VAL A 245 -12.15 -5.61 -0.63
C VAL A 245 -13.67 -5.70 -0.67
N ALA A 246 -14.33 -5.12 0.34
CA ALA A 246 -15.78 -5.15 0.43
C ALA A 246 -16.43 -4.43 -0.75
N VAL A 247 -15.91 -3.26 -1.12
CA VAL A 247 -16.48 -2.54 -2.25
C VAL A 247 -16.18 -3.30 -3.53
N THR A 248 -15.00 -3.90 -3.63
CA THR A 248 -14.63 -4.67 -4.82
C THR A 248 -15.60 -5.84 -5.02
N LEU A 249 -15.87 -6.57 -3.94
CA LEU A 249 -16.78 -7.70 -4.00
C LEU A 249 -18.21 -7.26 -4.32
N GLU A 250 -18.70 -6.24 -3.63
CA GLU A 250 -20.07 -5.77 -3.87
C GLU A 250 -20.25 -5.23 -5.30
N LEU A 251 -19.25 -4.52 -5.82
CA LEU A 251 -19.39 -4.02 -7.19
C LEU A 251 -19.39 -5.21 -8.16
N ALA A 252 -18.66 -6.26 -7.83
CA ALA A 252 -18.63 -7.44 -8.70
C ALA A 252 -20.04 -8.04 -8.71
N ARG A 253 -20.66 -8.09 -7.53
CA ARG A 253 -22.01 -8.63 -7.41
C ARG A 253 -22.97 -7.76 -8.22
N VAL A 254 -22.86 -6.44 -8.06
CA VAL A 254 -23.73 -5.52 -8.77
C VAL A 254 -23.61 -5.69 -10.29
N MET A 255 -22.38 -5.76 -10.78
CA MET A 255 -22.15 -5.90 -12.22
C MET A 255 -22.64 -7.22 -12.79
N SER A 256 -22.71 -8.26 -11.96
CA SER A 256 -23.18 -9.57 -12.42
C SER A 256 -24.66 -9.51 -12.80
N LYS A 257 -25.35 -8.46 -12.37
CA LYS A 257 -26.76 -8.30 -12.67
C LYS A 257 -26.99 -7.44 -13.91
N LEU A 258 -25.90 -7.01 -14.56
CA LEU A 258 -26.02 -6.14 -15.71
C LEU A 258 -25.25 -6.59 -16.95
N LYS A 259 -25.70 -6.15 -18.11
CA LYS A 259 -25.04 -6.47 -19.36
C LYS A 259 -23.88 -5.48 -19.47
N THR A 260 -22.74 -5.95 -19.97
CA THR A 260 -21.55 -5.11 -20.11
C THR A 260 -20.86 -5.35 -21.45
N ASP A 261 -20.27 -4.31 -22.02
CA ASP A 261 -19.57 -4.47 -23.29
C ASP A 261 -18.08 -4.25 -23.07
N THR A 262 -17.68 -4.28 -21.81
CA THR A 262 -16.28 -4.08 -21.43
C THR A 262 -15.90 -5.14 -20.40
N GLU A 263 -14.79 -5.83 -20.65
CA GLU A 263 -14.34 -6.87 -19.74
C GLU A 263 -13.98 -6.22 -18.40
N LEU A 264 -14.48 -6.81 -17.31
CA LEU A 264 -14.20 -6.28 -15.98
C LEU A 264 -13.44 -7.30 -15.16
N ARG A 265 -12.32 -6.85 -14.58
CA ARG A 265 -11.51 -7.73 -13.75
C ARG A 265 -11.48 -7.17 -12.33
N PHE A 266 -12.10 -7.90 -11.42
CA PHE A 266 -12.15 -7.52 -10.01
C PHE A 266 -11.05 -8.30 -9.32
N ILE A 267 -10.11 -7.59 -8.71
CA ILE A 267 -8.97 -8.24 -8.09
C ILE A 267 -8.62 -7.79 -6.68
N THR A 268 -8.29 -8.75 -5.82
CA THR A 268 -7.82 -8.42 -4.48
C THR A 268 -6.37 -8.89 -4.49
N PHE A 269 -5.46 -7.96 -4.21
CA PHE A 269 -4.02 -8.24 -4.23
C PHE A 269 -3.46 -8.64 -2.88
N GLY A 270 -2.45 -9.49 -2.90
CA GLY A 270 -1.81 -9.91 -1.66
C GLY A 270 -0.53 -9.13 -1.45
N ALA A 271 -0.02 -9.18 -0.22
CA ALA A 271 1.23 -8.51 0.12
C ALA A 271 1.37 -7.06 -0.36
N GLU A 272 0.30 -6.29 -0.27
CA GLU A 272 0.36 -4.89 -0.68
C GLU A 272 1.19 -4.09 0.32
N GLU A 273 1.07 -4.45 1.59
CA GLU A 273 1.78 -3.73 2.66
C GLU A 273 3.29 -3.99 2.63
N ASN A 274 3.70 -5.04 1.91
CA ASN A 274 5.11 -5.42 1.80
C ASN A 274 5.81 -4.78 0.62
N GLY A 275 5.14 -3.84 -0.04
CA GLY A 275 5.75 -3.19 -1.19
C GLY A 275 5.03 -3.47 -2.49
N LEU A 276 3.71 -3.61 -2.40
CA LEU A 276 2.88 -3.84 -3.58
C LEU A 276 3.30 -5.09 -4.37
N ILE A 277 3.81 -6.10 -3.67
CA ILE A 277 4.26 -7.31 -4.35
C ILE A 277 3.18 -8.00 -5.18
N GLY A 278 2.01 -8.19 -4.59
CA GLY A 278 0.92 -8.84 -5.31
C GLY A 278 0.55 -8.16 -6.62
N SER A 279 0.32 -6.86 -6.57
CA SER A 279 -0.05 -6.12 -7.79
C SER A 279 1.07 -6.09 -8.82
N LYS A 280 2.32 -6.08 -8.35
CA LYS A 280 3.46 -6.09 -9.26
C LYS A 280 3.46 -7.43 -9.97
N LYS A 281 3.21 -8.49 -9.22
CA LYS A 281 3.18 -9.83 -9.79
C LYS A 281 2.04 -9.99 -10.79
N TYR A 282 0.89 -9.38 -10.50
CA TYR A 282 -0.24 -9.50 -11.43
C TYR A 282 0.03 -8.67 -12.68
N ALA A 283 0.54 -7.46 -12.49
CA ALA A 283 0.83 -6.59 -13.62
C ALA A 283 1.82 -7.29 -14.55
N ALA A 284 2.77 -8.01 -13.97
CA ALA A 284 3.78 -8.72 -14.75
C ALA A 284 3.21 -9.89 -15.57
N SER A 285 1.99 -10.32 -15.24
CA SER A 285 1.38 -11.44 -15.93
C SER A 285 0.68 -11.02 -17.23
N LEU A 286 0.45 -9.73 -17.39
CA LEU A 286 -0.26 -9.21 -18.56
C LEU A 286 0.53 -9.18 -19.86
N SER A 287 -0.16 -9.42 -20.97
CA SER A 287 0.45 -9.42 -22.29
C SER A 287 0.45 -7.97 -22.78
N GLU A 288 1.19 -7.69 -23.85
CA GLU A 288 1.21 -6.33 -24.36
C GLU A 288 -0.16 -5.92 -24.87
N ASP A 289 -0.92 -6.89 -25.39
CA ASP A 289 -2.27 -6.59 -25.90
C ASP A 289 -3.21 -6.25 -24.74
N GLU A 290 -3.10 -6.99 -23.64
CA GLU A 290 -3.94 -6.72 -22.48
C GLU A 290 -3.63 -5.34 -21.92
N ILE A 291 -2.35 -5.00 -21.88
CA ILE A 291 -1.94 -3.71 -21.36
C ILE A 291 -2.50 -2.56 -22.21
N LYS A 292 -2.43 -2.69 -23.52
CA LYS A 292 -2.94 -1.62 -24.38
C LYS A 292 -4.46 -1.50 -24.34
N ARG A 293 -5.15 -2.59 -24.02
CA ARG A 293 -6.60 -2.60 -23.98
C ARG A 293 -7.21 -2.22 -22.64
N THR A 294 -6.38 -2.14 -21.60
CA THR A 294 -6.89 -1.76 -20.27
C THR A 294 -7.04 -0.25 -20.23
N ILE A 295 -8.29 0.21 -20.32
CA ILE A 295 -8.57 1.64 -20.35
C ILE A 295 -8.50 2.31 -18.99
N GLY A 296 -8.49 1.50 -17.93
CA GLY A 296 -8.42 2.08 -16.60
C GLY A 296 -8.37 1.07 -15.48
N MET A 297 -7.68 1.45 -14.41
CA MET A 297 -7.57 0.61 -13.23
C MET A 297 -8.00 1.47 -12.04
N PHE A 298 -9.01 1.00 -11.32
CA PHE A 298 -9.53 1.71 -10.14
C PHE A 298 -9.03 0.96 -8.90
N GLN A 299 -8.29 1.65 -8.03
CA GLN A 299 -7.80 1.03 -6.79
C GLN A 299 -8.59 1.57 -5.61
N LEU A 300 -9.11 0.66 -4.78
CA LEU A 300 -9.90 1.01 -3.61
C LEU A 300 -9.08 0.67 -2.37
N ASP A 301 -8.67 1.68 -1.62
CA ASP A 301 -7.86 1.45 -0.42
C ASP A 301 -8.28 2.49 0.63
N MET A 302 -8.87 1.99 1.71
CA MET A 302 -9.36 2.81 2.82
C MET A 302 -10.51 3.69 2.35
N VAL A 303 -11.68 3.08 2.24
CA VAL A 303 -12.86 3.74 1.74
C VAL A 303 -14.11 3.58 2.61
N GLY A 304 -13.92 3.37 3.92
CA GLY A 304 -15.08 3.20 4.78
C GLY A 304 -14.98 3.70 6.21
N SER A 305 -13.97 4.51 6.52
CA SER A 305 -13.81 5.00 7.89
C SER A 305 -14.60 6.26 8.24
N LYS A 306 -15.39 6.16 9.30
CA LYS A 306 -16.20 7.29 9.75
C LYS A 306 -15.29 8.40 10.28
N ASP A 307 -14.03 8.06 10.55
CA ASP A 307 -13.08 9.03 11.08
C ASP A 307 -12.06 9.53 10.07
N ALA A 308 -12.35 9.33 8.78
CA ALA A 308 -11.46 9.79 7.73
C ALA A 308 -12.13 10.98 7.04
N GLY A 309 -11.38 11.69 6.21
CA GLY A 309 -11.92 12.86 5.53
C GLY A 309 -12.72 12.57 4.27
N ASP A 310 -12.79 13.56 3.37
CA ASP A 310 -13.54 13.42 2.13
C ASP A 310 -12.85 12.52 1.13
N LEU A 311 -13.64 12.00 0.20
CA LEU A 311 -13.13 11.12 -0.86
C LEU A 311 -12.27 11.92 -1.81
N ILE A 312 -11.17 11.32 -2.26
CA ILE A 312 -10.27 11.98 -3.21
C ILE A 312 -9.67 10.92 -4.12
N MET A 313 -9.24 11.35 -5.31
CA MET A 313 -8.63 10.43 -6.26
C MET A 313 -7.16 10.78 -6.36
N TYR A 314 -6.28 9.79 -6.19
CA TYR A 314 -4.84 10.02 -6.29
C TYR A 314 -4.23 9.33 -7.50
N THR A 315 -3.33 10.03 -8.19
CA THR A 315 -2.63 9.46 -9.34
C THR A 315 -1.14 9.57 -9.03
N ILE A 316 -0.33 8.69 -9.61
CA ILE A 316 1.10 8.68 -9.34
C ILE A 316 1.79 9.98 -9.74
N ASP A 317 1.42 10.51 -10.91
CA ASP A 317 2.04 11.74 -11.41
C ASP A 317 1.25 13.02 -11.11
N GLY A 318 0.17 12.90 -10.35
CA GLY A 318 -0.62 14.07 -10.01
C GLY A 318 -1.34 14.70 -11.20
N LYS A 319 -1.50 13.93 -12.27
CA LYS A 319 -2.20 14.43 -13.45
C LYS A 319 -3.52 13.68 -13.62
N LYS A 320 -4.44 14.26 -14.39
CA LYS A 320 -5.73 13.61 -14.64
C LYS A 320 -5.56 12.52 -15.69
N ASN A 321 -6.38 11.48 -15.61
CA ASN A 321 -6.36 10.42 -16.62
C ASN A 321 -7.79 9.92 -16.80
N ARG A 322 -7.99 8.91 -17.63
CA ARG A 322 -9.35 8.43 -17.87
C ARG A 322 -10.08 8.03 -16.59
N VAL A 323 -9.35 7.43 -15.66
CA VAL A 323 -9.95 6.98 -14.41
C VAL A 323 -10.44 8.17 -13.56
N THR A 324 -9.64 9.22 -13.45
CA THR A 324 -10.09 10.37 -12.66
C THR A 324 -11.22 11.09 -13.39
N ASP A 325 -11.20 11.07 -14.72
CA ASP A 325 -12.27 11.71 -15.48
C ASP A 325 -13.59 10.99 -15.22
N LEU A 326 -13.54 9.65 -15.20
CA LEU A 326 -14.75 8.87 -14.95
C LEU A 326 -15.20 9.05 -13.51
N GLY A 327 -14.23 9.05 -12.59
CA GLY A 327 -14.56 9.23 -11.19
C GLY A 327 -15.24 10.57 -10.97
N ALA A 328 -14.64 11.61 -11.55
CA ALA A 328 -15.19 12.96 -11.40
C ALA A 328 -16.57 13.10 -12.05
N ALA A 329 -16.77 12.45 -13.20
CA ALA A 329 -18.06 12.51 -13.89
C ALA A 329 -19.13 11.87 -13.03
N ALA A 330 -18.84 10.68 -12.52
CA ALA A 330 -19.79 9.97 -11.67
C ALA A 330 -20.10 10.81 -10.42
N SER A 331 -19.06 11.26 -9.74
CA SER A 331 -19.29 12.07 -8.53
C SER A 331 -20.11 13.33 -8.82
N SER A 332 -19.81 13.99 -9.94
CA SER A 332 -20.54 15.21 -10.29
C SER A 332 -22.05 14.98 -10.39
N ARG A 333 -22.44 13.75 -10.74
CA ARG A 333 -23.85 13.41 -10.87
C ARG A 333 -24.45 12.88 -9.58
N LEU A 334 -23.60 12.30 -8.74
CA LEU A 334 -24.04 11.67 -7.50
C LEU A 334 -23.80 12.37 -6.15
N SER A 335 -22.66 13.05 -6.00
CA SER A 335 -22.33 13.68 -4.73
C SER A 335 -21.75 15.09 -4.80
N GLY A 336 -21.18 15.46 -5.93
CA GLY A 336 -20.58 16.78 -6.04
C GLY A 336 -19.18 16.71 -6.61
N VAL A 337 -18.38 17.76 -6.35
CA VAL A 337 -17.02 17.81 -6.86
C VAL A 337 -16.08 16.82 -6.20
N LEU A 338 -15.42 15.99 -7.00
CA LEU A 338 -14.47 15.02 -6.49
C LEU A 338 -13.09 15.45 -6.97
N PRO A 339 -12.25 15.93 -6.03
CA PRO A 339 -10.90 16.41 -6.34
C PRO A 339 -9.93 15.26 -6.61
N TYR A 340 -8.76 15.60 -7.12
CA TYR A 340 -7.72 14.61 -7.38
C TYR A 340 -6.41 15.19 -6.86
N GLY A 341 -5.45 14.30 -6.58
CA GLY A 341 -4.17 14.74 -6.08
C GLY A 341 -3.07 13.78 -6.51
N GLN A 342 -1.88 13.94 -5.94
CA GLN A 342 -0.77 13.06 -6.28
C GLN A 342 -0.34 12.19 -5.11
N GLU A 343 -0.36 10.88 -5.32
CA GLU A 343 0.05 9.95 -4.29
C GLU A 343 0.09 8.53 -4.81
N GLY A 344 1.08 7.77 -4.32
CA GLY A 344 1.21 6.38 -4.70
C GLY A 344 0.89 5.58 -3.46
N ARG A 345 1.81 4.74 -3.03
CA ARG A 345 1.62 3.95 -1.82
C ARG A 345 0.47 2.97 -1.84
N SER A 346 0.05 2.55 -3.04
CA SER A 346 -1.01 1.55 -3.17
C SER A 346 -0.89 0.85 -4.52
N ASP A 347 -1.68 -0.19 -4.71
CA ASP A 347 -1.61 -1.00 -5.94
C ASP A 347 -1.77 -0.30 -7.29
N HIS A 348 -2.35 0.91 -7.32
CA HIS A 348 -2.51 1.59 -8.60
C HIS A 348 -1.15 1.93 -9.22
N GLU A 349 -0.14 2.01 -8.38
CA GLU A 349 1.22 2.31 -8.82
C GLU A 349 1.73 1.22 -9.76
N SER A 350 1.35 -0.02 -9.49
CA SER A 350 1.79 -1.16 -10.30
C SER A 350 1.22 -1.12 -11.73
N PHE A 351 0.09 -0.46 -11.91
CA PHE A 351 -0.52 -0.38 -13.23
C PHE A 351 -0.09 0.89 -13.94
N HIS A 352 0.11 1.95 -13.16
CA HIS A 352 0.56 3.21 -13.72
C HIS A 352 1.93 2.95 -14.37
N ALA A 353 2.70 2.07 -13.73
CA ALA A 353 4.03 1.72 -14.20
C ALA A 353 4.03 1.13 -15.62
N LEU A 354 2.90 0.54 -16.03
CA LEU A 354 2.77 -0.03 -17.36
C LEU A 354 2.15 0.93 -18.37
N GLY A 355 1.82 2.14 -17.92
CA GLY A 355 1.21 3.12 -18.81
C GLY A 355 -0.31 3.09 -18.80
N ILE A 356 -0.86 2.26 -17.91
CA ILE A 356 -2.31 2.12 -17.78
C ILE A 356 -2.89 3.24 -16.90
N PRO A 357 -3.94 3.93 -17.38
CA PRO A 357 -4.55 4.99 -16.56
C PRO A 357 -4.99 4.36 -15.25
N ALA A 358 -4.58 4.93 -14.13
CA ALA A 358 -4.95 4.38 -12.84
C ALA A 358 -5.10 5.45 -11.78
N ALA A 359 -5.97 5.18 -10.82
CA ALA A 359 -6.19 6.12 -9.73
C ALA A 359 -6.61 5.38 -8.46
N LEU A 360 -6.22 5.93 -7.33
CA LEU A 360 -6.56 5.38 -6.02
C LEU A 360 -7.71 6.21 -5.44
N PHE A 361 -8.74 5.53 -4.95
CA PHE A 361 -9.89 6.18 -4.33
C PHE A 361 -9.73 5.91 -2.84
N ILE A 362 -9.71 6.99 -2.06
CA ILE A 362 -9.49 6.88 -0.63
C ILE A 362 -10.05 8.10 0.09
N HIS A 363 -10.32 7.97 1.38
CA HIS A 363 -10.82 9.09 2.16
C HIS A 363 -9.59 9.71 2.82
N ALA A 364 -9.35 10.98 2.53
CA ALA A 364 -8.20 11.69 3.08
C ALA A 364 -8.62 13.03 3.69
N PRO A 365 -7.91 13.47 4.75
CA PRO A 365 -6.78 12.75 5.36
C PRO A 365 -7.29 11.49 6.05
N VAL A 366 -6.44 10.47 6.13
CA VAL A 366 -6.82 9.21 6.76
C VAL A 366 -7.05 9.32 8.26
N GLU A 367 -7.78 8.34 8.80
CA GLU A 367 -8.10 8.27 10.22
C GLU A 367 -6.84 8.03 11.05
N PRO A 368 -6.92 8.30 12.37
CA PRO A 368 -5.75 8.09 13.22
C PRO A 368 -5.51 6.61 13.54
N TRP A 369 -6.46 5.77 13.18
CA TRP A 369 -6.38 4.33 13.42
C TRP A 369 -5.54 3.60 12.37
N TYR A 370 -5.13 4.34 11.34
CA TYR A 370 -4.32 3.80 10.27
C TYR A 370 -3.14 2.95 10.76
N HIS A 371 -3.12 1.69 10.36
CA HIS A 371 -2.05 0.76 10.73
C HIS A 371 -1.90 0.50 12.24
N THR A 372 -3.01 0.59 12.97
CA THR A 372 -2.97 0.36 14.41
C THR A 372 -3.98 -0.71 14.78
N PRO A 373 -3.90 -1.24 16.01
CA PRO A 373 -4.85 -2.28 16.44
C PRO A 373 -6.26 -1.70 16.49
N ASN A 374 -6.36 -0.38 16.37
CA ASN A 374 -7.65 0.31 16.40
C ASN A 374 -8.37 0.34 15.05
N ASP A 375 -7.71 -0.16 14.00
CA ASP A 375 -8.34 -0.20 12.68
C ASP A 375 -9.31 -1.36 12.71
N THR A 376 -10.45 -1.13 13.36
CA THR A 376 -11.48 -2.15 13.54
C THR A 376 -12.84 -1.84 12.95
N LEU A 377 -13.73 -2.82 13.04
CA LEU A 377 -15.09 -2.74 12.51
C LEU A 377 -15.93 -1.58 13.03
N ASP A 378 -15.78 -1.24 14.31
CA ASP A 378 -16.60 -0.16 14.86
C ASP A 378 -16.26 1.24 14.34
N LYS A 379 -15.25 1.32 13.49
CA LYS A 379 -14.84 2.62 12.92
C LYS A 379 -15.44 2.77 11.53
N ILE A 380 -16.04 1.71 11.03
CA ILE A 380 -16.63 1.69 9.68
C ILE A 380 -17.99 2.35 9.52
N SER A 381 -18.13 3.11 8.43
CA SER A 381 -19.37 3.81 8.10
C SER A 381 -20.01 3.18 6.86
N LYS A 382 -21.20 2.63 7.02
CA LYS A 382 -21.90 2.01 5.90
C LYS A 382 -22.22 3.08 4.85
N GLU A 383 -22.61 4.27 5.32
CA GLU A 383 -22.95 5.35 4.41
C GLU A 383 -21.77 5.70 3.49
N LYS A 384 -20.56 5.73 4.04
CA LYS A 384 -19.39 6.04 3.23
C LYS A 384 -19.05 4.91 2.28
N LEU A 385 -19.16 3.66 2.76
CA LEU A 385 -18.89 2.51 1.90
C LEU A 385 -19.85 2.56 0.72
N ASP A 386 -21.13 2.82 1.02
CA ASP A 386 -22.12 2.88 -0.03
C ASP A 386 -21.83 4.01 -1.00
N ASN A 387 -21.39 5.15 -0.49
CA ASN A 387 -21.08 6.27 -1.36
C ASN A 387 -19.96 5.95 -2.33
N VAL A 388 -18.91 5.29 -1.82
CA VAL A 388 -17.78 4.94 -2.67
C VAL A 388 -18.20 3.90 -3.71
N ALA A 389 -18.98 2.92 -3.30
CA ALA A 389 -19.45 1.91 -4.24
C ALA A 389 -20.28 2.60 -5.31
N ASP A 390 -21.12 3.55 -4.91
CA ASP A 390 -21.96 4.27 -5.87
C ASP A 390 -21.12 5.03 -6.91
N ILE A 391 -20.13 5.77 -6.43
CA ILE A 391 -19.29 6.57 -7.31
C ILE A 391 -18.38 5.74 -8.19
N VAL A 392 -17.61 4.84 -7.58
CA VAL A 392 -16.70 4.00 -8.35
C VAL A 392 -17.50 3.09 -9.29
N GLY A 393 -18.60 2.52 -8.80
CA GLY A 393 -19.42 1.65 -9.61
C GLY A 393 -20.01 2.37 -10.81
N SER A 394 -20.53 3.58 -10.60
CA SER A 394 -21.10 4.33 -11.70
C SER A 394 -20.03 4.81 -12.67
N ALA A 395 -18.83 5.06 -12.15
CA ALA A 395 -17.73 5.51 -13.01
C ALA A 395 -17.35 4.35 -13.94
N VAL A 396 -17.28 3.15 -13.38
CA VAL A 396 -16.94 1.95 -14.15
C VAL A 396 -18.08 1.65 -15.12
N TYR A 397 -19.31 1.80 -14.65
CA TYR A 397 -20.46 1.51 -15.49
C TYR A 397 -20.61 2.49 -16.64
N GLN A 398 -20.17 3.72 -16.45
CA GLN A 398 -20.26 4.72 -17.52
C GLN A 398 -19.52 4.14 -18.71
N ALA A 399 -18.49 3.36 -18.42
CA ALA A 399 -17.70 2.73 -19.46
C ALA A 399 -18.22 1.34 -19.80
N ALA A 400 -18.57 0.54 -18.79
CA ALA A 400 -19.04 -0.82 -19.04
C ALA A 400 -20.46 -1.05 -19.58
N ARG A 401 -21.35 -0.07 -19.40
CA ARG A 401 -22.73 -0.20 -19.91
C ARG A 401 -22.70 -0.32 -21.43
N PRO A 402 -23.65 -1.03 -22.04
CA PRO A 402 -23.66 -1.16 -23.50
C PRO A 402 -23.72 0.20 -24.22
N GLY A 403 -22.95 0.35 -25.30
CA GLY A 403 -22.95 1.60 -26.05
C GLY A 403 -21.59 2.30 -26.00
N GLU A 404 -21.31 3.18 -26.94
CA GLU A 404 -20.02 3.87 -26.96
C GLU A 404 -19.76 4.73 -25.71
N LEU A 405 -18.51 4.74 -25.25
CA LEU A 405 -18.13 5.52 -24.07
C LEU A 405 -18.09 7.01 -24.39
N VAL A 406 -18.76 7.80 -23.57
CA VAL A 406 -18.78 9.24 -23.75
C VAL A 406 -18.57 9.90 -22.40
N ILE A 407 -17.54 10.74 -22.30
CA ILE A 407 -17.25 11.44 -21.06
C ILE A 407 -17.40 12.93 -21.32
N GLU A 408 -18.44 13.53 -20.74
CA GLU A 408 -18.68 14.94 -20.93
C GLU A 408 -17.64 15.80 -20.22
N PRO A 409 -17.34 16.98 -20.79
CA PRO A 409 -16.36 17.91 -20.22
C PRO A 409 -16.78 18.48 -18.88
N ILE A 410 -15.99 18.23 -17.85
CA ILE A 410 -16.29 18.79 -16.54
C ILE A 410 -15.00 19.11 -15.81
N ASP A 411 -15.02 20.19 -15.04
CA ASP A 411 -13.84 20.61 -14.31
C ASP A 411 -13.85 20.07 -12.88
N TYR A 412 -12.67 19.67 -12.42
CA TYR A 412 -12.50 19.20 -11.06
C TYR A 412 -11.09 19.64 -10.66
N PRO A 413 -10.94 20.18 -9.45
CA PRO A 413 -9.67 20.66 -8.93
C PRO A 413 -8.66 19.67 -8.40
N ARG A 414 -7.40 20.07 -8.44
CA ARG A 414 -6.31 19.26 -7.91
C ARG A 414 -6.18 19.76 -6.48
N ARG A 415 -6.04 18.83 -5.54
CA ARG A 415 -5.94 19.20 -4.14
C ARG A 415 -4.91 18.36 -3.40
N ASN A 416 -3.95 19.02 -2.77
CA ASN A 416 -2.92 18.33 -2.02
C ASN A 416 -3.20 18.44 -0.53
#